data_5AN3
#
_entry.id   5AN3
#
_cell.length_a   94.560
_cell.length_b   94.560
_cell.length_c   122.990
_cell.angle_alpha   90.00
_cell.angle_beta   90.00
_cell.angle_gamma   120.00
#
_symmetry.space_group_name_H-M   'P 32 2 1'
#
loop_
_entity.id
_entity.type
_entity.pdbx_description
1 polymer SGT1
2 polymer 'SUPPRESSOR OF KINETOCHORE PROTEIN 1'
3 water water
#
loop_
_entity_poly.entity_id
_entity_poly.type
_entity_poly.pdbx_seq_one_letter_code
_entity_poly.pdbx_strand_id
1 'polypeptide(L)'
;MPVEKDLKTAYKALYDEKEPLKALHLYDEILKGSPTNLTALIFKAACLEKLYFGFSDWHSDATMENAKELLDKALMTAEG
RGDRSKIGLVNFRYFVHFFNIKDYELAQSYFKKAKNLGYVDDTLPLWEDRLETKLNKKNKKQKDSTNKHT
;
A,B,C
2 'polypeptide(L)'
;MVTSNVVLVSGEGERFTVDKKIAERSLLLKNYLNDASGDDDDEDDDEIVMPVPNVRSSVLQKVIEWAEHHRDSNFPDEDD
DDSRKSAPVDSWDREFLKVDQEMLYEIILAANYLNIKPLLDAGCKVVAEMI
;
D
#
# COMPACT_ATOMS: atom_id res chain seq x y z
N VAL A 3 32.28 -6.03 -12.06
CA VAL A 3 30.98 -6.60 -11.69
C VAL A 3 30.90 -6.73 -10.15
N GLU A 4 32.00 -7.17 -9.49
CA GLU A 4 32.08 -7.35 -8.04
C GLU A 4 31.76 -6.05 -7.30
N LYS A 5 32.38 -4.91 -7.69
CA LYS A 5 32.16 -3.58 -7.10
C LYS A 5 30.75 -3.09 -7.38
N ASP A 6 30.29 -3.21 -8.65
CA ASP A 6 28.96 -2.81 -9.11
C ASP A 6 27.84 -3.55 -8.30
N LEU A 7 28.02 -4.86 -8.02
CA LEU A 7 27.09 -5.68 -7.23
C LEU A 7 27.07 -5.23 -5.76
N LYS A 8 28.24 -4.79 -5.24
CA LYS A 8 28.40 -4.31 -3.88
C LYS A 8 27.64 -2.99 -3.69
N THR A 9 27.73 -2.06 -4.68
CA THR A 9 27.05 -0.76 -4.68
C THR A 9 25.52 -0.96 -4.73
N ALA A 10 25.06 -1.95 -5.53
CA ALA A 10 23.65 -2.30 -5.69
C ALA A 10 23.08 -2.90 -4.39
N TYR A 11 23.83 -3.82 -3.73
CA TYR A 11 23.46 -4.43 -2.45
C TYR A 11 23.32 -3.35 -1.37
N LYS A 12 24.26 -2.38 -1.35
CA LYS A 12 24.26 -1.27 -0.40
C LYS A 12 23.03 -0.36 -0.62
N ALA A 13 22.58 -0.20 -1.88
CA ALA A 13 21.41 0.61 -2.21
C ALA A 13 20.12 -0.03 -1.69
N LEU A 14 20.01 -1.38 -1.80
CA LEU A 14 18.86 -2.14 -1.35
C LEU A 14 18.79 -2.35 0.17
N TYR A 15 19.88 -2.86 0.80
CA TYR A 15 19.87 -3.23 2.20
C TYR A 15 20.39 -2.19 3.17
N ASP A 16 21.40 -1.41 2.81
CA ASP A 16 21.92 -0.36 3.69
C ASP A 16 21.11 0.94 3.50
N GLU A 17 21.12 1.53 2.27
CA GLU A 17 20.41 2.76 1.91
C GLU A 17 18.89 2.59 2.00
N LYS A 18 18.41 1.33 1.86
CA LYS A 18 17.00 0.91 1.89
C LYS A 18 16.20 1.69 0.83
N GLU A 19 16.75 1.69 -0.41
CA GLU A 19 16.25 2.34 -1.63
C GLU A 19 16.10 1.28 -2.77
N PRO A 20 15.00 0.48 -2.76
CA PRO A 20 14.84 -0.57 -3.79
C PRO A 20 14.70 -0.06 -5.24
N LEU A 21 14.18 1.17 -5.46
CA LEU A 21 14.10 1.71 -6.83
C LEU A 21 15.51 1.99 -7.42
N LYS A 22 16.43 2.51 -6.59
CA LYS A 22 17.82 2.80 -6.98
C LYS A 22 18.55 1.50 -7.24
N ALA A 23 18.40 0.54 -6.31
CA ALA A 23 19.01 -0.79 -6.39
C ALA A 23 18.52 -1.56 -7.61
N LEU A 24 17.20 -1.43 -7.95
CA LEU A 24 16.61 -2.10 -9.11
C LEU A 24 17.32 -1.65 -10.37
N HIS A 25 17.44 -0.33 -10.58
CA HIS A 25 18.13 0.23 -11.73
C HIS A 25 19.56 -0.33 -11.84
N LEU A 26 20.30 -0.38 -10.69
CA LEU A 26 21.67 -0.85 -10.59
C LEU A 26 21.79 -2.32 -10.97
N TYR A 27 20.82 -3.15 -10.56
CA TYR A 27 20.81 -4.58 -10.90
C TYR A 27 20.46 -4.80 -12.36
N ASP A 28 19.53 -3.99 -12.92
CA ASP A 28 19.16 -4.02 -14.34
C ASP A 28 20.38 -3.75 -15.21
N GLU A 29 21.22 -2.75 -14.81
CA GLU A 29 22.46 -2.35 -15.48
C GLU A 29 23.48 -3.51 -15.47
N ILE A 30 23.65 -4.16 -14.31
CA ILE A 30 24.54 -5.31 -14.12
C ILE A 30 24.05 -6.43 -15.04
N LEU A 31 22.74 -6.75 -14.97
CA LEU A 31 22.12 -7.81 -15.77
C LEU A 31 22.14 -7.51 -17.28
N LYS A 32 22.34 -6.24 -17.70
CA LYS A 32 22.48 -5.88 -19.12
C LYS A 32 23.79 -6.47 -19.62
N GLY A 33 24.87 -6.23 -18.88
CA GLY A 33 26.21 -6.74 -19.16
C GLY A 33 26.43 -8.21 -18.82
N SER A 34 25.88 -8.64 -17.67
CA SER A 34 26.03 -10.02 -17.19
C SER A 34 24.63 -10.64 -16.94
N PRO A 35 23.95 -11.11 -18.02
CA PRO A 35 22.59 -11.67 -17.85
C PRO A 35 22.47 -12.92 -16.97
N THR A 36 23.53 -13.75 -16.85
CA THR A 36 23.46 -14.98 -16.03
C THR A 36 24.15 -14.80 -14.67
N ASN A 37 24.28 -13.57 -14.16
CA ASN A 37 24.86 -13.32 -12.84
C ASN A 37 23.82 -13.66 -11.77
N LEU A 38 24.12 -14.68 -10.96
CA LEU A 38 23.21 -15.17 -9.93
C LEU A 38 22.88 -14.09 -8.88
N THR A 39 23.88 -13.33 -8.40
CA THR A 39 23.65 -12.29 -7.40
C THR A 39 22.69 -11.20 -7.95
N ALA A 40 22.89 -10.75 -9.20
CA ALA A 40 22.04 -9.75 -9.84
C ALA A 40 20.63 -10.30 -10.06
N LEU A 41 20.49 -11.57 -10.50
CA LEU A 41 19.18 -12.19 -10.73
C LEU A 41 18.39 -12.39 -9.40
N ILE A 42 19.06 -12.82 -8.31
CA ILE A 42 18.53 -13.10 -6.99
C ILE A 42 18.10 -11.80 -6.30
N PHE A 43 18.96 -10.78 -6.34
CA PHE A 43 18.67 -9.52 -5.66
C PHE A 43 17.81 -8.57 -6.49
N LYS A 44 17.72 -8.77 -7.84
CA LYS A 44 16.75 -7.98 -8.60
C LYS A 44 15.36 -8.41 -8.15
N ALA A 45 15.16 -9.74 -7.90
CA ALA A 45 13.91 -10.30 -7.42
C ALA A 45 13.56 -9.72 -6.06
N ALA A 46 14.56 -9.53 -5.18
CA ALA A 46 14.41 -8.93 -3.84
C ALA A 46 13.91 -7.50 -3.97
N CYS A 47 14.47 -6.72 -4.92
CA CYS A 47 14.03 -5.34 -5.19
C CYS A 47 12.56 -5.33 -5.55
N LEU A 48 12.17 -6.18 -6.53
CA LEU A 48 10.81 -6.29 -7.02
C LEU A 48 9.84 -6.69 -5.91
N GLU A 49 10.25 -7.58 -4.98
CA GLU A 49 9.42 -7.99 -3.84
C GLU A 49 9.22 -6.81 -2.88
N LYS A 50 10.28 -6.00 -2.62
CA LYS A 50 10.20 -4.80 -1.77
C LYS A 50 9.29 -3.73 -2.39
N LEU A 51 9.40 -3.52 -3.73
CA LEU A 51 8.60 -2.54 -4.47
C LEU A 51 7.13 -2.93 -4.49
N TYR A 52 6.82 -4.23 -4.68
CA TYR A 52 5.46 -4.78 -4.70
C TYR A 52 4.73 -4.35 -3.44
N PHE A 53 5.40 -4.50 -2.29
CA PHE A 53 4.89 -4.20 -0.97
C PHE A 53 5.17 -2.78 -0.48
N GLY A 54 5.71 -1.91 -1.32
CA GLY A 54 5.97 -0.55 -0.90
C GLY A 54 5.48 0.55 -1.81
N PHE A 55 5.04 0.20 -3.02
CA PHE A 55 4.61 1.18 -4.01
C PHE A 55 3.34 0.72 -4.70
N SER A 56 2.38 1.62 -4.83
CA SER A 56 1.10 1.31 -5.46
C SER A 56 1.30 0.87 -6.92
N ASP A 57 2.15 1.61 -7.68
CA ASP A 57 2.48 1.41 -9.09
C ASP A 57 3.26 0.11 -9.36
N TRP A 58 3.76 -0.53 -8.29
CA TRP A 58 4.49 -1.79 -8.36
C TRP A 58 3.67 -2.94 -7.77
N HIS A 59 2.54 -2.63 -7.13
CA HIS A 59 1.71 -3.63 -6.49
C HIS A 59 0.77 -4.28 -7.52
N SER A 60 1.30 -5.30 -8.26
CA SER A 60 0.61 -6.08 -9.30
C SER A 60 1.23 -7.46 -9.42
N ASP A 61 0.43 -8.47 -9.73
CA ASP A 61 0.84 -9.88 -9.89
C ASP A 61 2.06 -10.01 -10.80
N ALA A 62 2.16 -9.10 -11.80
CA ALA A 62 3.26 -9.08 -12.76
C ALA A 62 4.60 -8.90 -12.04
N THR A 63 4.68 -8.01 -11.04
CA THR A 63 5.91 -7.79 -10.27
C THR A 63 6.32 -9.06 -9.53
N MET A 64 5.34 -9.76 -8.86
CA MET A 64 5.63 -10.98 -8.11
C MET A 64 6.02 -12.12 -9.03
N GLU A 65 5.37 -12.21 -10.21
CA GLU A 65 5.64 -13.21 -11.24
C GLU A 65 7.06 -13.03 -11.77
N ASN A 66 7.46 -11.75 -12.03
CA ASN A 66 8.79 -11.38 -12.50
C ASN A 66 9.83 -11.75 -11.46
N ALA A 67 9.58 -11.46 -10.17
CA ALA A 67 10.48 -11.84 -9.08
C ALA A 67 10.70 -13.37 -9.06
N LYS A 68 9.60 -14.17 -9.08
CA LYS A 68 9.66 -15.64 -9.08
C LYS A 68 10.47 -16.15 -10.30
N GLU A 69 10.22 -15.57 -11.50
CA GLU A 69 10.89 -15.92 -12.76
C GLU A 69 12.39 -15.61 -12.70
N LEU A 70 12.79 -14.54 -11.99
CA LEU A 70 14.21 -14.21 -11.78
C LEU A 70 14.86 -15.26 -10.88
N LEU A 71 14.12 -15.78 -9.89
CA LEU A 71 14.61 -16.82 -8.99
C LEU A 71 14.68 -18.13 -9.75
N ASP A 72 13.74 -18.36 -10.68
CA ASP A 72 13.73 -19.56 -11.51
C ASP A 72 14.99 -19.59 -12.38
N LYS A 73 15.34 -18.44 -13.00
CA LYS A 73 16.50 -18.26 -13.87
C LYS A 73 17.79 -18.47 -13.10
N ALA A 74 17.84 -17.99 -11.83
CA ALA A 74 19.01 -18.14 -10.93
C ALA A 74 19.22 -19.61 -10.59
N LEU A 75 18.11 -20.35 -10.27
CA LEU A 75 18.22 -21.79 -9.95
C LEU A 75 18.78 -22.55 -11.15
N MET A 76 18.35 -22.20 -12.39
CA MET A 76 18.84 -22.79 -13.63
C MET A 76 20.37 -22.64 -13.76
N THR A 77 20.85 -21.40 -13.52
CA THR A 77 22.26 -21.02 -13.62
C THR A 77 23.06 -21.69 -12.51
N ALA A 78 22.58 -21.58 -11.25
CA ALA A 78 23.24 -22.17 -10.08
C ALA A 78 23.38 -23.69 -10.21
N GLU A 79 22.30 -24.37 -10.68
CA GLU A 79 22.27 -25.82 -10.89
C GLU A 79 23.17 -26.22 -12.07
N GLY A 80 23.26 -25.36 -13.09
CA GLY A 80 24.10 -25.55 -14.26
C GLY A 80 25.59 -25.70 -13.95
N ASP A 83 27.26 -25.28 -8.51
CA ASP A 83 27.67 -24.44 -7.38
C ASP A 83 26.72 -24.67 -6.19
N ARG A 84 27.03 -25.67 -5.33
CA ARG A 84 26.24 -26.15 -4.18
C ARG A 84 25.81 -25.05 -3.18
N SER A 85 26.72 -24.12 -2.84
CA SER A 85 26.44 -23.02 -1.90
C SER A 85 25.56 -21.95 -2.58
N LYS A 86 25.79 -21.69 -3.88
CA LYS A 86 25.01 -20.76 -4.69
C LYS A 86 23.61 -21.36 -4.97
N ILE A 87 23.54 -22.70 -5.14
CA ILE A 87 22.28 -23.46 -5.35
C ILE A 87 21.48 -23.49 -4.03
N GLY A 88 22.17 -23.29 -2.92
CA GLY A 88 21.56 -23.22 -1.59
C GLY A 88 20.99 -21.85 -1.32
N LEU A 89 21.67 -20.78 -1.82
CA LEU A 89 21.28 -19.38 -1.66
C LEU A 89 19.94 -19.11 -2.31
N VAL A 90 19.76 -19.48 -3.61
CA VAL A 90 18.52 -19.35 -4.40
C VAL A 90 17.34 -19.99 -3.62
N ASN A 91 17.56 -21.18 -3.00
CA ASN A 91 16.55 -21.86 -2.20
C ASN A 91 16.14 -21.05 -0.98
N PHE A 92 17.11 -20.38 -0.31
CA PHE A 92 16.80 -19.48 0.80
C PHE A 92 16.00 -18.30 0.29
N ARG A 93 16.32 -17.85 -0.93
CA ARG A 93 15.66 -16.71 -1.57
C ARG A 93 14.24 -17.06 -1.97
N TYR A 94 14.04 -18.32 -2.41
CA TYR A 94 12.74 -18.86 -2.70
C TYR A 94 11.93 -18.89 -1.40
N PHE A 95 12.59 -19.21 -0.25
CA PHE A 95 11.92 -19.22 1.05
C PHE A 95 11.47 -17.80 1.40
N VAL A 96 12.36 -16.78 1.28
CA VAL A 96 12.00 -15.37 1.56
C VAL A 96 10.82 -14.93 0.66
N HIS A 97 10.80 -15.34 -0.62
CA HIS A 97 9.72 -15.08 -1.58
C HIS A 97 8.37 -15.60 -1.05
N PHE A 98 8.31 -16.83 -0.51
CA PHE A 98 7.05 -17.39 -0.04
C PHE A 98 6.68 -16.97 1.39
N PHE A 99 7.66 -16.68 2.28
CA PHE A 99 7.35 -16.21 3.64
C PHE A 99 6.65 -14.85 3.55
N ASN A 100 6.92 -14.09 2.46
CA ASN A 100 6.31 -12.78 2.21
C ASN A 100 4.96 -12.90 1.47
N ILE A 101 4.79 -13.92 0.59
CA ILE A 101 3.52 -14.17 -0.12
C ILE A 101 2.61 -15.15 0.70
N LYS A 102 2.77 -15.12 2.05
CA LYS A 102 2.02 -15.83 3.10
C LYS A 102 1.93 -17.36 2.93
N ASP A 103 2.54 -17.97 1.88
CA ASP A 103 2.54 -19.41 1.69
C ASP A 103 3.72 -20.03 2.49
N TYR A 104 3.48 -20.25 3.78
CA TYR A 104 4.45 -20.81 4.71
C TYR A 104 4.73 -22.31 4.45
N GLU A 105 3.79 -23.03 3.79
CA GLU A 105 3.96 -24.46 3.47
C GLU A 105 5.14 -24.63 2.49
N LEU A 106 5.13 -23.85 1.39
CA LEU A 106 6.17 -23.87 0.35
C LEU A 106 7.48 -23.29 0.88
N ALA A 107 7.38 -22.21 1.69
CA ALA A 107 8.53 -21.54 2.31
C ALA A 107 9.33 -22.52 3.21
N GLN A 108 8.64 -23.34 4.02
CA GLN A 108 9.26 -24.35 4.89
C GLN A 108 10.08 -25.34 4.06
N SER A 109 9.55 -25.73 2.87
CA SER A 109 10.20 -26.66 1.94
C SER A 109 11.52 -26.08 1.41
N TYR A 110 11.50 -24.81 1.01
CA TYR A 110 12.68 -24.14 0.49
C TYR A 110 13.68 -23.85 1.60
N PHE A 111 13.20 -23.56 2.82
CA PHE A 111 14.05 -23.29 3.98
C PHE A 111 14.90 -24.53 4.29
N LYS A 112 14.26 -25.72 4.27
CA LYS A 112 14.91 -27.01 4.50
C LYS A 112 15.91 -27.29 3.39
N LYS A 113 15.51 -27.10 2.10
CA LYS A 113 16.36 -27.28 0.92
C LYS A 113 17.66 -26.45 1.06
N ALA A 114 17.53 -25.15 1.39
CA ALA A 114 18.64 -24.22 1.59
C ALA A 114 19.57 -24.68 2.69
N LYS A 115 19.03 -25.07 3.87
CA LYS A 115 19.77 -25.56 5.02
C LYS A 115 20.48 -26.89 4.70
N ASN A 116 19.80 -27.81 3.97
CA ASN A 116 20.36 -29.13 3.58
C ASN A 116 21.47 -29.00 2.51
N LEU A 117 21.50 -27.87 1.76
CA LEU A 117 22.50 -27.57 0.74
C LEU A 117 23.70 -26.83 1.36
N GLY A 118 23.62 -26.56 2.65
CA GLY A 118 24.66 -25.89 3.44
C GLY A 118 24.69 -24.38 3.37
N TYR A 119 23.51 -23.76 3.24
CA TYR A 119 23.45 -22.30 3.19
C TYR A 119 23.72 -21.72 4.59
N VAL A 120 24.71 -20.82 4.68
CA VAL A 120 25.09 -20.20 5.95
C VAL A 120 24.73 -18.71 5.93
N ASP A 121 23.97 -18.26 6.95
CA ASP A 121 23.51 -16.87 7.13
C ASP A 121 23.20 -16.64 8.61
N ASP A 122 23.70 -15.50 9.16
CA ASP A 122 23.52 -15.11 10.57
C ASP A 122 22.04 -14.79 10.91
N THR A 123 21.19 -14.59 9.88
CA THR A 123 19.77 -14.29 10.06
C THR A 123 18.90 -15.56 10.08
N LEU A 124 19.51 -16.74 9.75
CA LEU A 124 18.78 -18.00 9.70
C LEU A 124 18.03 -18.30 11.02
N PRO A 125 18.61 -18.12 12.24
CA PRO A 125 17.82 -18.39 13.45
C PRO A 125 16.61 -17.45 13.61
N LEU A 126 16.72 -16.17 13.16
CA LEU A 126 15.63 -15.18 13.22
C LEU A 126 14.48 -15.60 12.28
N TRP A 127 14.84 -16.08 11.07
CA TRP A 127 13.92 -16.58 10.06
C TRP A 127 13.23 -17.87 10.51
N GLU A 128 13.98 -18.78 11.15
CA GLU A 128 13.43 -20.03 11.64
C GLU A 128 12.27 -19.77 12.62
N ASP A 129 12.51 -18.88 13.62
CA ASP A 129 11.53 -18.50 14.65
C ASP A 129 10.31 -17.83 14.02
N ARG A 130 10.53 -16.93 13.05
CA ARG A 130 9.45 -16.27 12.32
C ARG A 130 8.60 -17.31 11.58
N LEU A 131 9.27 -18.27 10.87
CA LEU A 131 8.61 -19.39 10.15
C LEU A 131 7.91 -20.31 11.16
N GLU A 132 8.51 -20.53 12.35
CA GLU A 132 7.91 -21.34 13.41
C GLU A 132 6.65 -20.66 13.98
N THR A 133 6.64 -19.30 14.02
CA THR A 133 5.52 -18.51 14.53
C THR A 133 4.35 -18.58 13.53
N LYS A 134 4.60 -18.38 12.23
CA LYS A 134 3.56 -18.43 11.20
C LYS A 134 3.02 -19.87 11.00
N PRO B 2 6.20 -18.54 -41.59
CA PRO B 2 5.10 -17.60 -41.82
C PRO B 2 4.71 -16.90 -40.53
N VAL B 3 3.66 -16.04 -40.58
CA VAL B 3 3.16 -15.23 -39.46
C VAL B 3 2.65 -16.15 -38.35
N GLU B 4 1.96 -17.28 -38.69
CA GLU B 4 1.43 -18.24 -37.73
C GLU B 4 2.54 -18.81 -36.84
N LYS B 5 3.66 -19.28 -37.46
CA LYS B 5 4.82 -19.83 -36.76
C LYS B 5 5.53 -18.74 -35.93
N ASP B 6 5.76 -17.56 -36.53
CA ASP B 6 6.41 -16.41 -35.91
C ASP B 6 5.66 -15.96 -34.65
N LEU B 7 4.29 -15.94 -34.68
CA LEU B 7 3.44 -15.60 -33.55
C LEU B 7 3.55 -16.65 -32.44
N LYS B 8 3.71 -17.94 -32.82
CA LYS B 8 3.85 -19.06 -31.90
C LYS B 8 5.19 -18.95 -31.14
N THR B 9 6.31 -18.61 -31.85
CA THR B 9 7.65 -18.42 -31.28
C THR B 9 7.64 -17.24 -30.30
N ALA B 10 6.92 -16.14 -30.64
CA ALA B 10 6.81 -14.93 -29.82
C ALA B 10 6.01 -15.22 -28.55
N TYR B 11 4.87 -15.95 -28.65
CA TYR B 11 4.03 -16.37 -27.52
C TYR B 11 4.83 -17.25 -26.56
N LYS B 12 5.65 -18.17 -27.11
CA LYS B 12 6.51 -19.06 -26.33
C LYS B 12 7.59 -18.26 -25.59
N ALA B 13 8.10 -17.17 -26.19
CA ALA B 13 9.12 -16.31 -25.57
C ALA B 13 8.54 -15.56 -24.37
N LEU B 14 7.28 -15.07 -24.46
CA LEU B 14 6.59 -14.34 -23.42
C LEU B 14 6.06 -15.22 -22.27
N TYR B 15 5.28 -16.28 -22.60
CA TYR B 15 4.60 -17.09 -21.60
C TYR B 15 5.34 -18.35 -21.17
N ASP B 16 6.05 -19.04 -22.07
CA ASP B 16 6.78 -20.26 -21.70
C ASP B 16 8.19 -19.88 -21.20
N GLU B 17 9.03 -19.26 -22.07
CA GLU B 17 10.40 -18.83 -21.75
C GLU B 17 10.42 -17.73 -20.67
N LYS B 18 9.31 -16.99 -20.54
CA LYS B 18 9.09 -15.90 -19.57
C LYS B 18 10.20 -14.83 -19.74
N GLU B 19 10.40 -14.42 -21.02
CA GLU B 19 11.35 -13.43 -21.52
C GLU B 19 10.60 -12.32 -22.33
N PRO B 20 9.95 -11.36 -21.63
CA PRO B 20 9.17 -10.32 -22.34
C PRO B 20 10.00 -9.41 -23.26
N LEU B 21 11.31 -9.20 -23.00
CA LEU B 21 12.13 -8.35 -23.87
C LEU B 21 12.38 -9.04 -25.22
N LYS B 22 12.55 -10.38 -25.23
CA LYS B 22 12.77 -11.16 -26.45
C LYS B 22 11.47 -11.20 -27.24
N ALA B 23 10.35 -11.48 -26.54
CA ALA B 23 9.01 -11.54 -27.09
C ALA B 23 8.59 -10.18 -27.69
N LEU B 24 8.83 -9.08 -26.98
CA LEU B 24 8.47 -7.72 -27.42
C LEU B 24 9.01 -7.42 -28.80
N HIS B 25 10.29 -7.76 -29.08
CA HIS B 25 10.92 -7.44 -30.36
C HIS B 25 10.53 -8.45 -31.44
N LEU B 26 10.14 -9.68 -31.04
CA LEU B 26 9.58 -10.66 -31.98
C LEU B 26 8.23 -10.16 -32.46
N TYR B 27 7.43 -9.52 -31.56
CA TYR B 27 6.13 -8.94 -31.91
C TYR B 27 6.29 -7.69 -32.78
N ASP B 28 7.32 -6.85 -32.50
CA ASP B 28 7.65 -5.66 -33.30
C ASP B 28 7.92 -6.07 -34.75
N GLU B 29 8.70 -7.17 -34.94
CA GLU B 29 9.07 -7.73 -36.25
C GLU B 29 7.81 -8.18 -37.01
N ILE B 30 6.85 -8.84 -36.32
CA ILE B 30 5.57 -9.27 -36.91
C ILE B 30 4.77 -8.04 -37.28
N LEU B 31 4.75 -7.02 -36.40
CA LEU B 31 4.00 -5.79 -36.67
C LEU B 31 4.62 -4.96 -37.80
N LYS B 32 5.92 -5.18 -38.12
CA LYS B 32 6.57 -4.50 -39.24
C LYS B 32 5.93 -4.98 -40.55
N GLY B 33 5.87 -6.30 -40.73
CA GLY B 33 5.25 -6.94 -41.89
C GLY B 33 3.74 -6.99 -41.87
N SER B 34 3.13 -7.24 -40.69
CA SER B 34 1.69 -7.35 -40.49
C SER B 34 1.21 -6.33 -39.44
N PRO B 35 1.05 -5.04 -39.84
CA PRO B 35 0.68 -3.99 -38.87
C PRO B 35 -0.65 -4.18 -38.17
N THR B 36 -1.63 -4.83 -38.82
CA THR B 36 -2.98 -4.99 -38.25
C THR B 36 -3.23 -6.40 -37.71
N ASN B 37 -2.18 -7.13 -37.34
CA ASN B 37 -2.32 -8.45 -36.75
C ASN B 37 -2.75 -8.29 -35.30
N LEU B 38 -3.98 -8.74 -34.98
CA LEU B 38 -4.52 -8.61 -33.63
C LEU B 38 -3.69 -9.32 -32.57
N THR B 39 -3.24 -10.54 -32.82
CA THR B 39 -2.44 -11.29 -31.85
C THR B 39 -1.13 -10.54 -31.51
N ALA B 40 -0.43 -10.01 -32.53
CA ALA B 40 0.78 -9.24 -32.33
C ALA B 40 0.50 -7.91 -31.60
N LEU B 41 -0.61 -7.22 -31.88
CA LEU B 41 -0.95 -5.96 -31.20
C LEU B 41 -1.26 -6.19 -29.72
N ILE B 42 -2.11 -7.18 -29.46
CA ILE B 42 -2.62 -7.58 -28.16
C ILE B 42 -1.49 -8.07 -27.27
N PHE B 43 -0.60 -8.95 -27.79
CA PHE B 43 0.49 -9.51 -26.99
C PHE B 43 1.70 -8.62 -26.95
N LYS B 44 1.84 -7.63 -27.87
CA LYS B 44 2.92 -6.64 -27.70
C LYS B 44 2.59 -5.80 -26.47
N ALA B 45 1.30 -5.47 -26.29
CA ALA B 45 0.81 -4.71 -25.15
C ALA B 45 1.05 -5.49 -23.85
N ALA B 46 0.86 -6.86 -23.87
CA ALA B 46 1.13 -7.78 -22.74
C ALA B 46 2.61 -7.73 -22.37
N CYS B 47 3.52 -7.75 -23.37
CA CYS B 47 4.97 -7.62 -23.16
C CYS B 47 5.27 -6.35 -22.40
N LEU B 48 4.74 -5.21 -22.89
CA LEU B 48 4.95 -3.89 -22.31
C LEU B 48 4.44 -3.82 -20.90
N GLU B 49 3.31 -4.47 -20.60
CA GLU B 49 2.76 -4.53 -19.24
C GLU B 49 3.71 -5.32 -18.33
N LYS B 50 4.26 -6.47 -18.78
CA LYS B 50 5.23 -7.29 -18.01
C LYS B 50 6.51 -6.50 -17.73
N LEU B 51 7.03 -5.76 -18.75
CA LEU B 51 8.26 -4.97 -18.67
C LEU B 51 8.08 -3.82 -17.69
N TYR B 52 6.91 -3.16 -17.71
CA TYR B 52 6.56 -2.06 -16.81
C TYR B 52 6.78 -2.47 -15.38
N PHE B 53 6.27 -3.64 -15.03
CA PHE B 53 6.33 -4.22 -13.70
C PHE B 53 7.58 -5.10 -13.43
N GLY B 54 8.54 -5.15 -14.35
CA GLY B 54 9.72 -5.98 -14.14
C GLY B 54 11.06 -5.34 -14.44
N PHE B 55 11.05 -4.14 -15.00
CA PHE B 55 12.29 -3.42 -15.35
C PHE B 55 12.21 -1.96 -14.99
N SER B 56 13.27 -1.43 -14.39
CA SER B 56 13.30 -0.03 -13.95
C SER B 56 13.14 0.91 -15.13
N ASP B 57 13.89 0.65 -16.24
CA ASP B 57 13.93 1.45 -17.48
C ASP B 57 12.65 1.39 -18.25
N TRP B 58 11.73 0.47 -17.89
CA TRP B 58 10.43 0.29 -18.53
C TRP B 58 9.31 0.76 -17.63
N HIS B 59 9.62 1.04 -16.36
CA HIS B 59 8.61 1.47 -15.39
C HIS B 59 8.35 2.96 -15.56
N SER B 60 7.53 3.27 -16.55
CA SER B 60 7.16 4.60 -16.97
C SER B 60 5.75 4.63 -17.53
N ASP B 61 5.08 5.78 -17.40
CA ASP B 61 3.77 6.05 -17.96
C ASP B 61 3.78 5.85 -19.47
N ALA B 62 4.92 6.17 -20.14
CA ALA B 62 5.11 5.99 -21.59
C ALA B 62 4.91 4.52 -21.98
N THR B 63 5.50 3.57 -21.22
CA THR B 63 5.33 2.13 -21.45
C THR B 63 3.82 1.75 -21.36
N MET B 64 3.11 2.17 -20.30
CA MET B 64 1.68 1.83 -20.15
C MET B 64 0.80 2.49 -21.23
N GLU B 65 1.14 3.75 -21.63
CA GLU B 65 0.48 4.52 -22.68
C GLU B 65 0.62 3.80 -24.03
N ASN B 66 1.83 3.28 -24.32
CA ASN B 66 2.15 2.49 -25.52
C ASN B 66 1.29 1.22 -25.55
N ALA B 67 1.17 0.50 -24.40
CA ALA B 67 0.34 -0.71 -24.28
C ALA B 67 -1.12 -0.38 -24.60
N LYS B 68 -1.68 0.70 -23.99
CA LYS B 68 -3.06 1.16 -24.21
C LYS B 68 -3.29 1.50 -25.70
N GLU B 69 -2.32 2.19 -26.33
CA GLU B 69 -2.37 2.60 -27.75
C GLU B 69 -2.37 1.37 -28.67
N LEU B 70 -1.66 0.29 -28.29
CA LEU B 70 -1.66 -0.97 -29.04
C LEU B 70 -3.04 -1.66 -28.94
N LEU B 71 -3.69 -1.53 -27.77
CA LEU B 71 -5.04 -2.07 -27.57
C LEU B 71 -6.05 -1.21 -28.31
N ASP B 72 -5.79 0.10 -28.41
CA ASP B 72 -6.63 1.03 -29.18
C ASP B 72 -6.62 0.65 -30.65
N LYS B 73 -5.42 0.34 -31.19
CA LYS B 73 -5.20 -0.03 -32.58
C LYS B 73 -5.91 -1.36 -32.88
N ALA B 74 -5.90 -2.29 -31.89
CA ALA B 74 -6.53 -3.61 -31.96
C ALA B 74 -8.02 -3.46 -32.03
N LEU B 75 -8.62 -2.58 -31.21
CA LEU B 75 -10.07 -2.34 -31.25
C LEU B 75 -10.50 -1.75 -32.61
N MET B 76 -9.69 -0.85 -33.18
CA MET B 76 -9.92 -0.26 -34.49
C MET B 76 -10.02 -1.34 -35.58
N THR B 77 -9.06 -2.29 -35.56
CA THR B 77 -8.96 -3.39 -36.51
C THR B 77 -10.12 -4.34 -36.34
N ALA B 78 -10.36 -4.79 -35.09
CA ALA B 78 -11.42 -5.74 -34.76
C ALA B 78 -12.80 -5.19 -35.14
N GLU B 79 -13.03 -3.89 -34.84
CA GLU B 79 -14.29 -3.21 -35.14
C GLU B 79 -14.44 -2.97 -36.64
N GLY B 80 -13.33 -2.70 -37.32
CA GLY B 80 -13.27 -2.46 -38.76
C GLY B 80 -13.73 -3.67 -39.56
N ARG B 81 -13.40 -4.88 -39.09
CA ARG B 81 -13.79 -6.17 -39.67
C ARG B 81 -15.20 -6.57 -39.31
N GLY B 82 -15.63 -6.25 -38.10
CA GLY B 82 -16.94 -6.66 -37.60
C GLY B 82 -16.89 -8.02 -36.94
N ASP B 83 -15.70 -8.38 -36.48
CA ASP B 83 -15.43 -9.65 -35.81
C ASP B 83 -15.80 -9.54 -34.34
N ARG B 84 -17.06 -9.90 -34.00
CA ARG B 84 -17.59 -9.87 -32.63
C ARG B 84 -16.65 -10.61 -31.65
N SER B 85 -16.10 -11.76 -32.11
CA SER B 85 -15.19 -12.63 -31.36
C SER B 85 -13.94 -11.88 -30.96
N LYS B 86 -13.31 -11.21 -31.94
CA LYS B 86 -12.09 -10.45 -31.75
C LYS B 86 -12.36 -9.14 -31.02
N ILE B 87 -13.58 -8.56 -31.11
CA ILE B 87 -13.94 -7.32 -30.38
C ILE B 87 -14.03 -7.69 -28.89
N GLY B 88 -14.67 -8.82 -28.59
CA GLY B 88 -14.77 -9.35 -27.24
C GLY B 88 -13.40 -9.54 -26.62
N LEU B 89 -12.45 -10.14 -27.40
CA LEU B 89 -11.08 -10.39 -27.00
C LEU B 89 -10.38 -9.07 -26.66
N VAL B 90 -10.51 -8.02 -27.54
CA VAL B 90 -9.86 -6.71 -27.34
C VAL B 90 -10.40 -6.08 -26.05
N ASN B 91 -11.73 -6.17 -25.84
CA ASN B 91 -12.38 -5.65 -24.67
C ASN B 91 -11.91 -6.41 -23.43
N PHE B 92 -11.65 -7.72 -23.54
CA PHE B 92 -11.15 -8.49 -22.39
C PHE B 92 -9.73 -8.06 -22.04
N ARG B 93 -8.87 -7.85 -23.06
CA ARG B 93 -7.48 -7.39 -22.92
C ARG B 93 -7.44 -5.98 -22.30
N TYR B 94 -8.45 -5.13 -22.63
CA TYR B 94 -8.63 -3.83 -22.00
C TYR B 94 -8.93 -3.99 -20.51
N PHE B 95 -9.85 -4.93 -20.16
CA PHE B 95 -10.17 -5.20 -18.76
C PHE B 95 -8.90 -5.52 -18.02
N VAL B 96 -8.08 -6.47 -18.55
CA VAL B 96 -6.81 -6.92 -17.97
C VAL B 96 -5.84 -5.72 -17.77
N HIS B 97 -5.71 -4.83 -18.79
CA HIS B 97 -4.90 -3.61 -18.73
C HIS B 97 -5.29 -2.74 -17.56
N PHE B 98 -6.61 -2.43 -17.45
CA PHE B 98 -7.14 -1.55 -16.43
C PHE B 98 -7.20 -2.22 -15.08
N PHE B 99 -7.26 -3.57 -15.06
CA PHE B 99 -7.24 -4.28 -13.79
C PHE B 99 -5.86 -4.14 -13.12
N ASN B 100 -4.77 -4.33 -13.90
CA ASN B 100 -3.36 -4.24 -13.48
C ASN B 100 -2.95 -2.81 -13.09
N ILE B 101 -3.58 -1.77 -13.70
CA ILE B 101 -3.30 -0.37 -13.33
C ILE B 101 -4.33 0.13 -12.27
N LYS B 102 -4.91 -0.83 -11.51
CA LYS B 102 -5.85 -0.68 -10.38
C LYS B 102 -7.11 0.22 -10.68
N ASP B 103 -7.47 0.43 -11.97
CA ASP B 103 -8.68 1.18 -12.36
C ASP B 103 -9.83 0.17 -12.54
N TYR B 104 -10.28 -0.42 -11.39
CA TYR B 104 -11.28 -1.47 -11.33
C TYR B 104 -12.67 -1.03 -11.84
N GLU B 105 -12.98 0.27 -11.76
CA GLU B 105 -14.24 0.83 -12.26
C GLU B 105 -14.32 0.66 -13.80
N LEU B 106 -13.27 1.07 -14.54
CA LEU B 106 -13.18 0.94 -15.99
C LEU B 106 -13.02 -0.53 -16.40
N ALA B 107 -12.23 -1.33 -15.64
CA ALA B 107 -12.03 -2.76 -15.89
C ALA B 107 -13.37 -3.54 -15.86
N GLN B 108 -14.25 -3.23 -14.87
CA GLN B 108 -15.58 -3.85 -14.74
C GLN B 108 -16.40 -3.58 -16.00
N SER B 109 -16.30 -2.37 -16.58
CA SER B 109 -17.01 -1.96 -17.80
C SER B 109 -16.54 -2.79 -19.03
N TYR B 110 -15.20 -2.98 -19.19
CA TYR B 110 -14.65 -3.78 -20.29
C TYR B 110 -14.93 -5.28 -20.07
N PHE B 111 -14.96 -5.76 -18.80
CA PHE B 111 -15.27 -7.15 -18.45
C PHE B 111 -16.69 -7.48 -18.90
N LYS B 112 -17.67 -6.58 -18.63
CA LYS B 112 -19.07 -6.72 -19.02
C LYS B 112 -19.18 -6.72 -20.53
N LYS B 113 -18.51 -5.74 -21.22
CA LYS B 113 -18.49 -5.61 -22.68
C LYS B 113 -18.02 -6.93 -23.32
N ALA B 114 -16.85 -7.48 -22.88
CA ALA B 114 -16.27 -8.73 -23.37
C ALA B 114 -17.25 -9.92 -23.18
N LYS B 115 -17.81 -10.07 -21.95
CA LYS B 115 -18.77 -11.13 -21.62
C LYS B 115 -20.05 -11.00 -22.47
N ASN B 116 -20.55 -9.75 -22.70
CA ASN B 116 -21.75 -9.49 -23.52
C ASN B 116 -21.49 -9.72 -25.02
N LEU B 117 -20.23 -9.69 -25.45
CA LEU B 117 -19.80 -9.94 -26.83
C LEU B 117 -19.52 -11.44 -27.06
N GLY B 118 -19.69 -12.23 -26.01
CA GLY B 118 -19.52 -13.68 -26.03
C GLY B 118 -18.10 -14.15 -25.88
N TYR B 119 -17.26 -13.38 -25.18
CA TYR B 119 -15.87 -13.79 -24.95
C TYR B 119 -15.84 -15.00 -24.02
N VAL B 120 -15.21 -16.08 -24.49
CA VAL B 120 -15.08 -17.35 -23.78
C VAL B 120 -13.61 -17.55 -23.41
N ASP B 121 -13.36 -17.76 -22.12
CA ASP B 121 -12.05 -18.03 -21.52
C ASP B 121 -12.25 -18.83 -20.24
N ASP B 122 -11.46 -19.91 -20.04
CA ASP B 122 -11.53 -20.78 -18.86
C ASP B 122 -11.08 -20.06 -17.56
N THR B 123 -10.40 -18.90 -17.68
CA THR B 123 -9.93 -18.09 -16.55
C THR B 123 -10.98 -17.06 -16.12
N LEU B 124 -12.08 -16.89 -16.90
CA LEU B 124 -13.12 -15.90 -16.60
C LEU B 124 -13.70 -16.06 -15.18
N PRO B 125 -14.01 -17.28 -14.65
CA PRO B 125 -14.49 -17.35 -13.25
C PRO B 125 -13.44 -16.90 -12.22
N LEU B 126 -12.13 -17.11 -12.50
CA LEU B 126 -11.03 -16.67 -11.59
C LEU B 126 -10.93 -15.14 -11.58
N TRP B 127 -11.06 -14.51 -12.77
CA TRP B 127 -11.06 -13.07 -12.96
C TRP B 127 -12.29 -12.42 -12.35
N GLU B 128 -13.46 -13.07 -12.54
CA GLU B 128 -14.77 -12.65 -12.02
C GLU B 128 -14.73 -12.54 -10.50
N ASP B 129 -14.03 -13.47 -9.83
CA ASP B 129 -13.91 -13.48 -8.36
C ASP B 129 -12.87 -12.47 -7.91
N ARG B 130 -11.78 -12.31 -8.70
CA ARG B 130 -10.72 -11.36 -8.38
C ARG B 130 -11.25 -9.92 -8.47
N LEU B 131 -12.01 -9.60 -9.55
CA LEU B 131 -12.61 -8.28 -9.80
C LEU B 131 -13.69 -7.97 -8.76
N GLU B 132 -14.45 -8.99 -8.32
CA GLU B 132 -15.48 -8.84 -7.28
C GLU B 132 -14.83 -8.52 -5.92
N THR B 133 -13.63 -9.08 -5.65
CA THR B 133 -12.91 -8.86 -4.39
C THR B 133 -12.31 -7.45 -4.37
N LYS B 134 -11.68 -7.01 -5.48
CA LYS B 134 -11.09 -5.67 -5.58
C LYS B 134 -12.20 -4.58 -5.58
N LEU B 135 -13.33 -4.84 -6.29
CA LEU B 135 -14.45 -3.89 -6.38
C LEU B 135 -15.34 -3.84 -5.10
N ASN B 136 -15.29 -4.88 -4.22
CA ASN B 136 -16.08 -4.89 -2.96
C ASN B 136 -15.32 -4.14 -1.81
N LYS B 137 -14.21 -3.44 -2.18
CA LYS B 137 -13.37 -2.62 -1.31
C LYS B 137 -12.67 -1.53 -2.15
N PRO C 2 0.36 23.07 -5.19
CA PRO C 2 1.67 22.92 -4.53
C PRO C 2 1.69 21.70 -3.61
N VAL C 3 2.84 21.47 -2.95
CA VAL C 3 3.09 20.33 -2.05
C VAL C 3 2.12 20.40 -0.86
N GLU C 4 1.87 21.61 -0.30
CA GLU C 4 0.95 21.82 0.84
C GLU C 4 -0.46 21.31 0.52
N LYS C 5 -1.03 21.69 -0.64
CA LYS C 5 -2.37 21.27 -1.10
C LYS C 5 -2.37 19.75 -1.40
N ASP C 6 -1.36 19.26 -2.12
CA ASP C 6 -1.19 17.84 -2.48
C ASP C 6 -1.14 16.95 -1.24
N LEU C 7 -0.43 17.39 -0.16
CA LEU C 7 -0.35 16.67 1.13
C LEU C 7 -1.71 16.66 1.84
N LYS C 8 -2.49 17.74 1.70
CA LYS C 8 -3.81 17.88 2.28
C LYS C 8 -4.80 16.90 1.62
N THR C 9 -4.73 16.78 0.28
CA THR C 9 -5.59 15.87 -0.51
C THR C 9 -5.27 14.40 -0.16
N ALA C 10 -3.97 14.08 0.03
CA ALA C 10 -3.48 12.75 0.41
C ALA C 10 -3.93 12.38 1.83
N TYR C 11 -3.82 13.32 2.80
CA TYR C 11 -4.28 13.13 4.18
C TYR C 11 -5.79 12.85 4.23
N LYS C 12 -6.57 13.60 3.40
CA LYS C 12 -8.03 13.45 3.32
C LYS C 12 -8.39 12.08 2.73
N ALA C 13 -7.57 11.55 1.80
CA ALA C 13 -7.78 10.25 1.17
C ALA C 13 -7.59 9.11 2.19
N LEU C 14 -6.56 9.24 3.06
CA LEU C 14 -6.22 8.26 4.08
C LEU C 14 -7.16 8.27 5.30
N TYR C 15 -7.36 9.45 5.93
CA TYR C 15 -8.08 9.53 7.19
C TYR C 15 -9.54 9.89 7.07
N ASP C 16 -9.93 10.77 6.12
CA ASP C 16 -11.34 11.14 5.95
C ASP C 16 -12.03 10.11 5.04
N GLU C 17 -11.57 9.99 3.76
CA GLU C 17 -12.13 9.06 2.75
C GLU C 17 -11.93 7.60 3.15
N LYS C 18 -10.92 7.34 3.98
CA LYS C 18 -10.53 6.02 4.50
C LYS C 18 -10.25 5.07 3.33
N GLU C 19 -9.41 5.55 2.38
CA GLU C 19 -8.93 4.90 1.16
C GLU C 19 -7.38 4.91 1.14
N PRO C 20 -6.72 4.00 1.91
CA PRO C 20 -5.25 3.99 1.95
C PRO C 20 -4.55 3.67 0.62
N LEU C 21 -5.19 2.95 -0.31
CA LEU C 21 -4.55 2.67 -1.59
C LEU C 21 -4.48 3.95 -2.48
N LYS C 22 -5.52 4.81 -2.41
CA LYS C 22 -5.58 6.09 -3.14
C LYS C 22 -4.55 7.04 -2.55
N ALA C 23 -4.53 7.12 -1.19
CA ALA C 23 -3.61 7.95 -0.42
C ALA C 23 -2.15 7.52 -0.66
N LEU C 24 -1.89 6.19 -0.75
CA LEU C 24 -0.54 5.65 -1.00
C LEU C 24 0.00 6.21 -2.31
N HIS C 25 -0.79 6.08 -3.41
CA HIS C 25 -0.41 6.60 -4.72
C HIS C 25 -0.06 8.11 -4.65
N LEU C 26 -0.89 8.89 -3.92
CA LEU C 26 -0.75 10.33 -3.74
C LEU C 26 0.52 10.68 -3.00
N TYR C 27 0.89 9.89 -1.98
CA TYR C 27 2.12 10.12 -1.22
C TYR C 27 3.35 9.73 -2.02
N ASP C 28 3.27 8.63 -2.81
CA ASP C 28 4.35 8.21 -3.71
C ASP C 28 4.70 9.34 -4.71
N GLU C 29 3.65 9.99 -5.27
CA GLU C 29 3.75 11.10 -6.22
C GLU C 29 4.47 12.30 -5.57
N ILE C 30 4.12 12.62 -4.30
CA ILE C 30 4.76 13.70 -3.54
C ILE C 30 6.21 13.31 -3.30
N LEU C 31 6.47 12.06 -2.93
CA LEU C 31 7.83 11.61 -2.67
C LEU C 31 8.71 11.53 -3.93
N LYS C 32 8.08 11.49 -5.13
CA LYS C 32 8.81 11.50 -6.39
C LYS C 32 9.47 12.88 -6.55
N GLY C 33 8.68 13.94 -6.39
CA GLY C 33 9.17 15.31 -6.46
C GLY C 33 9.85 15.84 -5.22
N SER C 34 9.36 15.44 -4.03
CA SER C 34 9.89 15.86 -2.73
C SER C 34 10.31 14.62 -1.90
N PRO C 35 11.49 14.02 -2.19
CA PRO C 35 11.88 12.78 -1.49
C PRO C 35 12.06 12.87 0.01
N THR C 36 12.47 14.04 0.53
CA THR C 36 12.73 14.20 1.96
C THR C 36 11.62 14.96 2.70
N ASN C 37 10.38 14.93 2.16
CA ASN C 37 9.22 15.56 2.82
C ASN C 37 8.79 14.65 3.97
N LEU C 38 8.92 15.15 5.21
CA LEU C 38 8.59 14.37 6.40
C LEU C 38 7.12 13.93 6.43
N THR C 39 6.16 14.83 6.11
CA THR C 39 4.75 14.48 6.14
C THR C 39 4.45 13.31 5.16
N ALA C 40 4.99 13.37 3.92
CA ALA C 40 4.81 12.33 2.92
C ALA C 40 5.48 11.04 3.36
N LEU C 41 6.67 11.16 4.01
CA LEU C 41 7.41 9.99 4.50
C LEU C 41 6.65 9.24 5.61
N ILE C 42 6.18 10.00 6.61
CA ILE C 42 5.47 9.59 7.81
C ILE C 42 4.10 9.00 7.47
N PHE C 43 3.34 9.66 6.57
CA PHE C 43 2.01 9.19 6.22
C PHE C 43 2.02 8.15 5.12
N LYS C 44 3.13 8.02 4.34
CA LYS C 44 3.20 6.88 3.41
C LYS C 44 3.31 5.60 4.26
N ALA C 45 4.07 5.65 5.38
CA ALA C 45 4.24 4.54 6.31
C ALA C 45 2.90 4.19 6.93
N ALA C 46 2.06 5.22 7.28
CA ALA C 46 0.70 5.05 7.82
C ALA C 46 -0.18 4.31 6.81
N CYS C 47 -0.09 4.65 5.50
CA CYS C 47 -0.84 3.97 4.43
C CYS C 47 -0.50 2.52 4.42
N LEU C 48 0.82 2.22 4.37
CA LEU C 48 1.33 0.85 4.35
C LEU C 48 0.89 0.07 5.59
N GLU C 49 0.88 0.74 6.76
CA GLU C 49 0.39 0.12 7.99
C GLU C 49 -1.11 -0.24 7.82
N LYS C 50 -1.96 0.72 7.35
CA LYS C 50 -3.40 0.50 7.14
C LYS C 50 -3.68 -0.64 6.16
N LEU C 51 -2.87 -0.71 5.08
CA LEU C 51 -3.00 -1.73 4.04
C LEU C 51 -2.65 -3.10 4.60
N TYR C 52 -1.57 -3.17 5.43
CA TYR C 52 -1.12 -4.40 6.09
C TYR C 52 -2.29 -5.05 6.82
N PHE C 53 -3.02 -4.23 7.58
CA PHE C 53 -4.14 -4.65 8.41
C PHE C 53 -5.50 -4.65 7.70
N GLY C 54 -5.56 -4.33 6.43
CA GLY C 54 -6.83 -4.29 5.72
C GLY C 54 -6.93 -5.05 4.43
N PHE C 55 -5.79 -5.52 3.90
CA PHE C 55 -5.74 -6.20 2.61
C PHE C 55 -4.86 -7.45 2.70
N SER C 56 -5.37 -8.55 2.16
CA SER C 56 -4.66 -9.82 2.18
C SER C 56 -3.31 -9.68 1.44
N ASP C 57 -3.32 -9.04 0.24
CA ASP C 57 -2.20 -8.85 -0.68
C ASP C 57 -1.13 -7.91 -0.10
N TRP C 58 -1.45 -7.21 0.99
CA TRP C 58 -0.55 -6.30 1.67
C TRP C 58 -0.14 -6.83 3.05
N HIS C 59 -0.78 -7.88 3.50
CA HIS C 59 -0.52 -8.47 4.81
C HIS C 59 0.73 -9.36 4.73
N SER C 60 1.88 -8.68 4.82
CA SER C 60 3.23 -9.24 4.72
C SER C 60 4.21 -8.44 5.59
N ASP C 61 5.25 -9.13 6.10
CA ASP C 61 6.34 -8.52 6.86
C ASP C 61 7.02 -7.44 6.01
N ALA C 62 7.08 -7.63 4.67
CA ALA C 62 7.70 -6.69 3.73
C ALA C 62 6.99 -5.34 3.78
N THR C 63 5.65 -5.33 3.94
CA THR C 63 4.88 -4.10 4.06
C THR C 63 5.22 -3.36 5.39
N MET C 64 5.36 -4.09 6.49
CA MET C 64 5.68 -3.46 7.77
C MET C 64 7.12 -2.97 7.78
N GLU C 65 8.03 -3.73 7.12
CA GLU C 65 9.45 -3.41 6.97
C GLU C 65 9.60 -2.11 6.19
N ASN C 66 8.87 -1.97 5.06
CA ASN C 66 8.83 -0.77 4.24
C ASN C 66 8.29 0.42 5.06
N ALA C 67 7.21 0.23 5.84
CA ALA C 67 6.67 1.28 6.73
C ALA C 67 7.73 1.74 7.76
N LYS C 68 8.40 0.79 8.46
CA LYS C 68 9.45 1.08 9.43
C LYS C 68 10.61 1.83 8.75
N GLU C 69 11.03 1.40 7.53
CA GLU C 69 12.11 2.01 6.75
C GLU C 69 11.74 3.44 6.33
N LEU C 70 10.45 3.74 6.08
CA LEU C 70 10.02 5.10 5.77
C LEU C 70 10.11 5.98 7.03
N LEU C 71 9.86 5.39 8.21
CA LEU C 71 9.98 6.11 9.48
C LEU C 71 11.44 6.31 9.78
N ASP C 72 12.29 5.34 9.42
CA ASP C 72 13.74 5.42 9.57
C ASP C 72 14.29 6.58 8.73
N LYS C 73 13.80 6.72 7.48
CA LYS C 73 14.21 7.76 6.53
C LYS C 73 13.79 9.12 7.05
N ALA C 74 12.61 9.18 7.70
CA ALA C 74 12.04 10.35 8.34
C ALA C 74 12.91 10.83 9.52
N LEU C 75 13.37 9.89 10.39
CA LEU C 75 14.27 10.21 11.49
C LEU C 75 15.62 10.73 10.96
N MET C 76 16.14 10.17 9.86
CA MET C 76 17.37 10.62 9.22
C MET C 76 17.27 12.08 8.81
N THR C 77 16.13 12.45 8.17
CA THR C 77 15.86 13.80 7.65
C THR C 77 15.69 14.77 8.82
N ALA C 78 14.84 14.40 9.79
CA ALA C 78 14.55 15.19 10.98
C ALA C 78 15.82 15.45 11.78
N GLU C 79 16.66 14.41 11.98
CA GLU C 79 17.93 14.51 12.72
C GLU C 79 18.98 15.31 11.93
N GLY C 80 18.96 15.19 10.59
CA GLY C 80 19.85 15.90 9.68
C GLY C 80 19.71 17.40 9.78
N ARG C 81 18.47 17.87 10.03
CA ARG C 81 18.11 19.29 10.20
C ARG C 81 18.33 19.77 11.61
N GLY C 82 18.13 18.89 12.59
CA GLY C 82 18.22 19.24 14.00
C GLY C 82 16.89 19.74 14.54
N ASP C 83 15.79 19.36 13.86
CA ASP C 83 14.42 19.71 14.21
C ASP C 83 13.90 18.82 15.33
N ARG C 84 14.08 19.24 16.60
CA ARG C 84 13.63 18.50 17.79
C ARG C 84 12.15 18.15 17.71
N SER C 85 11.35 19.08 17.14
CA SER C 85 9.90 18.97 16.96
C SER C 85 9.57 17.80 16.09
N LYS C 86 10.24 17.73 14.92
CA LYS C 86 10.02 16.69 13.92
C LYS C 86 10.64 15.38 14.37
N ILE C 87 11.69 15.41 15.23
CA ILE C 87 12.33 14.19 15.75
C ILE C 87 11.30 13.56 16.73
N GLY C 88 10.67 14.38 17.56
CA GLY C 88 9.65 13.98 18.52
C GLY C 88 8.45 13.35 17.86
N LEU C 89 8.04 13.95 16.71
CA LEU C 89 6.95 13.46 15.87
C LEU C 89 7.27 12.09 15.30
N VAL C 90 8.46 11.91 14.71
CA VAL C 90 8.86 10.61 14.12
C VAL C 90 8.84 9.53 15.23
N ASN C 91 9.31 9.86 16.44
CA ASN C 91 9.31 8.94 17.58
C ASN C 91 7.88 8.61 18.01
N PHE C 92 6.92 9.55 17.83
CA PHE C 92 5.55 9.23 18.20
C PHE C 92 5.02 8.26 17.19
N ARG C 93 5.31 8.52 15.88
CA ARG C 93 4.95 7.69 14.73
C ARG C 93 5.49 6.24 14.88
N TYR C 94 6.69 6.12 15.50
CA TYR C 94 7.32 4.85 15.83
C TYR C 94 6.52 4.14 16.93
N PHE C 95 6.06 4.90 17.96
CA PHE C 95 5.24 4.35 19.05
C PHE C 95 3.96 3.69 18.45
N VAL C 96 3.26 4.41 17.53
CA VAL C 96 2.04 3.94 16.80
C VAL C 96 2.38 2.67 16.00
N HIS C 97 3.49 2.70 15.25
CA HIS C 97 3.92 1.54 14.49
C HIS C 97 4.01 0.30 15.37
N PHE C 98 4.75 0.41 16.49
CA PHE C 98 5.01 -0.68 17.40
C PHE C 98 3.83 -1.01 18.29
N PHE C 99 2.98 -0.03 18.56
CA PHE C 99 1.78 -0.27 19.37
C PHE C 99 0.84 -1.21 18.59
N ASN C 100 0.64 -0.89 17.29
CA ASN C 100 -0.24 -1.61 16.39
C ASN C 100 0.27 -3.01 16.09
N ILE C 101 1.61 -3.25 16.07
CA ILE C 101 2.16 -4.60 15.84
C ILE C 101 2.38 -5.34 17.19
N LYS C 102 1.62 -4.93 18.23
CA LYS C 102 1.55 -5.47 19.60
C LYS C 102 2.93 -5.59 20.34
N ASP C 103 3.96 -4.83 19.89
CA ASP C 103 5.27 -4.76 20.56
C ASP C 103 5.26 -3.57 21.55
N TYR C 104 4.45 -3.71 22.62
CA TYR C 104 4.19 -2.66 23.63
C TYR C 104 5.43 -2.24 24.40
N GLU C 105 6.43 -3.14 24.54
CA GLU C 105 7.70 -2.87 25.22
C GLU C 105 8.46 -1.77 24.46
N LEU C 106 8.62 -1.93 23.12
CA LEU C 106 9.29 -0.97 22.23
C LEU C 106 8.47 0.32 22.07
N ALA C 107 7.13 0.20 21.99
CA ALA C 107 6.21 1.32 21.88
C ALA C 107 6.32 2.26 23.09
N GLN C 108 6.40 1.69 24.33
CA GLN C 108 6.55 2.46 25.56
C GLN C 108 7.84 3.30 25.51
N SER C 109 8.93 2.72 24.93
CA SER C 109 10.22 3.37 24.80
C SER C 109 10.12 4.58 23.88
N TYR C 110 9.44 4.43 22.74
CA TYR C 110 9.25 5.50 21.77
C TYR C 110 8.27 6.56 22.27
N PHE C 111 7.27 6.16 23.07
CA PHE C 111 6.31 7.09 23.66
C PHE C 111 7.03 8.03 24.63
N LYS C 112 7.94 7.49 25.49
CA LYS C 112 8.75 8.26 26.43
C LYS C 112 9.70 9.19 25.66
N LYS C 113 10.41 8.66 24.64
CA LYS C 113 11.32 9.44 23.79
C LYS C 113 10.59 10.65 23.20
N ALA C 114 9.38 10.47 22.65
CA ALA C 114 8.61 11.56 22.04
C ALA C 114 8.20 12.60 23.11
N LYS C 115 7.67 12.14 24.24
CA LYS C 115 7.28 13.02 25.34
C LYS C 115 8.52 13.82 25.87
N ASN C 116 9.70 13.17 25.96
CA ASN C 116 10.94 13.80 26.41
C ASN C 116 11.51 14.79 25.37
N LEU C 117 11.12 14.65 24.09
CA LEU C 117 11.53 15.52 22.98
C LEU C 117 10.55 16.70 22.83
N GLY C 118 9.53 16.72 23.69
CA GLY C 118 8.52 17.77 23.76
C GLY C 118 7.39 17.61 22.76
N TYR C 119 7.08 16.37 22.36
CA TYR C 119 5.99 16.10 21.44
C TYR C 119 4.66 16.45 22.10
N VAL C 120 3.91 17.32 21.42
CA VAL C 120 2.61 17.82 21.86
C VAL C 120 1.54 17.27 20.93
N ASP C 121 0.56 16.59 21.52
CA ASP C 121 -0.59 16.01 20.84
C ASP C 121 -1.72 15.89 21.86
N ASP C 122 -2.93 16.36 21.47
CA ASP C 122 -4.15 16.32 22.30
C ASP C 122 -4.62 14.88 22.61
N THR C 123 -4.15 13.88 21.85
CA THR C 123 -4.50 12.47 22.00
C THR C 123 -3.54 11.75 22.97
N LEU C 124 -2.43 12.42 23.39
CA LEU C 124 -1.44 11.82 24.29
C LEU C 124 -2.06 11.26 25.57
N PRO C 125 -3.00 11.95 26.29
CA PRO C 125 -3.61 11.32 27.49
C PRO C 125 -4.43 10.06 27.18
N LEU C 126 -5.08 10.00 25.99
CA LEU C 126 -5.86 8.82 25.57
C LEU C 126 -4.92 7.62 25.30
N TRP C 127 -3.78 7.89 24.64
CA TRP C 127 -2.74 6.92 24.34
C TRP C 127 -2.04 6.45 25.59
N GLU C 128 -1.74 7.40 26.51
CA GLU C 128 -1.10 7.17 27.82
C GLU C 128 -1.93 6.16 28.62
N ASP C 129 -3.27 6.37 28.63
CA ASP C 129 -4.27 5.53 29.31
C ASP C 129 -4.38 4.16 28.60
N ARG C 130 -4.22 4.12 27.26
CA ARG C 130 -4.32 2.90 26.47
C ARG C 130 -3.07 2.01 26.64
N LEU C 131 -1.87 2.60 26.44
CA LEU C 131 -0.57 1.93 26.57
C LEU C 131 -0.43 1.37 27.99
N GLU C 132 -0.98 2.07 29.01
CA GLU C 132 -0.97 1.63 30.41
C GLU C 132 -1.83 0.36 30.56
N THR C 133 -2.93 0.23 29.79
CA THR C 133 -3.83 -0.92 29.84
C THR C 133 -3.15 -2.14 29.19
N LYS C 134 -2.54 -1.98 28.00
CA LYS C 134 -1.85 -3.09 27.30
C LYS C 134 -0.57 -3.51 28.05
N LEU C 135 0.15 -2.56 28.68
CA LEU C 135 1.38 -2.85 29.39
C LEU C 135 1.14 -3.34 30.85
N ASN C 136 -0.09 -3.16 31.43
CA ASN C 136 -0.41 -3.65 32.78
C ASN C 136 -0.94 -5.09 32.74
C THR D 3 -20.65 -1.07 13.42
N SER D 4 -19.54 -0.35 13.62
CA SER D 4 -18.61 -0.64 14.72
C SER D 4 -18.70 0.43 15.83
N ASN D 5 -18.96 0.01 17.09
CA ASN D 5 -19.11 0.89 18.27
C ASN D 5 -17.81 1.09 19.10
N VAL D 6 -17.79 2.18 19.91
CA VAL D 6 -16.72 2.61 20.83
C VAL D 6 -17.33 3.10 22.17
N VAL D 7 -16.51 3.31 23.20
CA VAL D 7 -17.04 3.74 24.51
C VAL D 7 -16.38 5.06 24.96
N LEU D 8 -17.22 6.02 25.38
CA LEU D 8 -16.80 7.31 25.93
C LEU D 8 -17.09 7.35 27.42
N VAL D 9 -16.05 7.56 28.25
CA VAL D 9 -16.19 7.56 29.71
C VAL D 9 -16.12 8.98 30.27
N SER D 10 -17.28 9.53 30.70
CA SER D 10 -17.39 10.88 31.28
C SER D 10 -16.57 11.01 32.58
N GLY D 11 -16.38 12.25 33.04
CA GLY D 11 -15.62 12.55 34.24
C GLY D 11 -16.17 11.83 35.45
N GLU D 12 -17.53 11.84 35.58
CA GLU D 12 -18.29 11.18 36.66
C GLU D 12 -18.04 9.64 36.71
N GLY D 13 -17.53 9.08 35.60
CA GLY D 13 -17.20 7.65 35.44
C GLY D 13 -18.17 6.86 34.58
N GLU D 14 -19.27 7.51 34.15
CA GLU D 14 -20.33 6.94 33.32
C GLU D 14 -19.82 6.61 31.92
N ARG D 15 -20.13 5.40 31.45
CA ARG D 15 -19.79 4.88 30.14
C ARG D 15 -20.91 5.18 29.13
N PHE D 16 -20.54 5.54 27.89
CA PHE D 16 -21.47 5.83 26.81
C PHE D 16 -20.99 5.13 25.54
N THR D 17 -21.76 4.16 25.06
CA THR D 17 -21.41 3.39 23.88
C THR D 17 -21.93 4.13 22.66
N VAL D 18 -21.02 4.48 21.75
CA VAL D 18 -21.36 5.22 20.52
C VAL D 18 -20.66 4.57 19.32
N ASP D 19 -21.16 4.79 18.10
CA ASP D 19 -20.55 4.27 16.87
C ASP D 19 -19.27 5.07 16.61
N LYS D 20 -18.20 4.44 16.08
CA LYS D 20 -16.94 5.13 15.80
C LYS D 20 -17.21 6.39 14.98
N LYS D 21 -18.06 6.30 13.92
CA LYS D 21 -18.44 7.45 13.08
C LYS D 21 -19.09 8.60 13.89
N ILE D 22 -19.70 8.29 15.05
CA ILE D 22 -20.30 9.33 15.91
C ILE D 22 -19.19 9.92 16.79
N ALA D 23 -18.26 9.08 17.28
CA ALA D 23 -17.11 9.52 18.08
C ALA D 23 -16.15 10.36 17.24
N GLU D 24 -16.06 10.03 15.94
CA GLU D 24 -15.19 10.66 14.96
C GLU D 24 -15.66 12.09 14.60
N ARG D 25 -16.78 12.57 15.19
CA ARG D 25 -17.30 13.93 15.04
C ARG D 25 -16.37 14.86 15.81
N SER D 26 -15.79 14.32 16.89
CA SER D 26 -14.78 14.94 17.73
C SER D 26 -13.44 14.74 17.07
N LEU D 27 -12.79 15.83 16.58
CA LEU D 27 -11.47 15.72 15.93
C LEU D 27 -10.41 15.17 16.92
N LEU D 28 -10.64 15.33 18.27
CA LEU D 28 -9.76 14.82 19.34
C LEU D 28 -9.77 13.28 19.30
N LEU D 29 -10.97 12.69 19.39
CA LEU D 29 -11.17 11.24 19.31
C LEU D 29 -10.85 10.71 17.91
N LYS D 30 -11.07 11.52 16.83
CA LYS D 30 -10.77 11.05 15.47
C LYS D 30 -9.26 10.86 15.29
N ASN D 31 -8.45 11.89 15.63
CA ASN D 31 -7.00 11.89 15.56
C ASN D 31 -6.36 10.66 16.21
N TYR D 32 -7.04 10.15 17.24
CA TYR D 32 -6.62 9.00 18.00
C TYR D 32 -7.11 7.73 17.34
N LEU D 33 -8.41 7.69 16.98
CA LEU D 33 -9.05 6.55 16.31
C LEU D 33 -8.39 6.31 14.97
N ASN D 34 -7.83 7.37 14.36
CA ASN D 34 -7.11 7.30 13.10
C ASN D 34 -5.87 6.42 13.21
N ASP D 35 -5.33 6.25 14.43
CA ASP D 35 -4.14 5.43 14.75
C ASP D 35 -4.46 4.13 15.55
N ALA D 36 -5.50 4.16 16.44
CA ALA D 36 -5.97 3.04 17.29
C ALA D 36 -7.24 2.33 16.74
N GLU D 47 -14.23 -2.76 22.46
CA GLU D 47 -12.86 -2.91 22.96
C GLU D 47 -12.17 -1.55 23.20
N ILE D 48 -12.56 -0.47 22.47
CA ILE D 48 -11.94 0.86 22.61
C ILE D 48 -12.75 1.68 23.66
N VAL D 49 -12.08 2.03 24.77
CA VAL D 49 -12.63 2.75 25.92
C VAL D 49 -11.86 4.08 26.07
N MET D 50 -12.46 5.16 25.54
CA MET D 50 -11.88 6.51 25.56
C MET D 50 -12.41 7.38 26.69
N PRO D 51 -11.60 7.69 27.73
CA PRO D 51 -12.10 8.60 28.79
C PRO D 51 -12.12 10.05 28.32
N VAL D 52 -13.18 10.77 28.69
CA VAL D 52 -13.39 12.18 28.36
C VAL D 52 -13.52 12.87 29.73
N PRO D 53 -12.38 13.03 30.46
CA PRO D 53 -12.46 13.50 31.85
C PRO D 53 -13.01 14.90 32.03
N ASN D 54 -12.60 15.85 31.17
CA ASN D 54 -12.96 17.26 31.26
C ASN D 54 -14.48 17.57 31.01
N VAL D 55 -15.32 16.52 30.82
CA VAL D 55 -16.77 16.63 30.52
C VAL D 55 -17.60 15.83 31.54
N ARG D 56 -18.73 16.38 32.03
CA ARG D 56 -19.63 15.65 32.94
C ARG D 56 -20.61 14.80 32.12
N SER D 57 -21.23 13.80 32.76
CA SER D 57 -22.16 12.88 32.12
C SER D 57 -23.29 13.59 31.33
N SER D 58 -24.03 14.54 31.95
CA SER D 58 -25.16 15.23 31.31
C SER D 58 -24.73 15.99 30.04
N VAL D 59 -23.50 16.53 30.02
CA VAL D 59 -22.94 17.27 28.90
C VAL D 59 -22.54 16.27 27.83
N LEU D 60 -21.83 15.18 28.20
CA LEU D 60 -21.46 14.14 27.23
C LEU D 60 -22.70 13.54 26.58
N GLN D 61 -23.77 13.41 27.36
CA GLN D 61 -25.08 12.95 26.92
C GLN D 61 -25.59 13.88 25.81
N LYS D 62 -25.52 15.20 26.07
CA LYS D 62 -25.98 16.23 25.17
C LYS D 62 -25.07 16.32 23.91
N VAL D 63 -23.73 16.20 24.06
CA VAL D 63 -22.79 16.30 22.95
C VAL D 63 -22.97 15.09 22.02
N ILE D 64 -23.16 13.87 22.59
CA ILE D 64 -23.35 12.63 21.82
C ILE D 64 -24.69 12.72 21.02
N GLU D 65 -25.74 13.38 21.59
CA GLU D 65 -27.04 13.58 20.96
C GLU D 65 -26.90 14.47 19.69
N TRP D 66 -26.11 15.53 19.76
CA TRP D 66 -25.85 16.43 18.63
C TRP D 66 -25.09 15.69 17.52
N ALA D 67 -24.02 14.97 17.91
CA ALA D 67 -23.14 14.19 17.02
C ALA D 67 -23.89 13.03 16.35
N GLU D 68 -24.81 12.37 17.09
CA GLU D 68 -25.64 11.25 16.61
C GLU D 68 -26.63 11.76 15.57
N HIS D 69 -27.12 13.01 15.76
CA HIS D 69 -28.06 13.67 14.86
C HIS D 69 -27.38 14.05 13.56
N HIS D 70 -26.16 14.58 13.64
CA HIS D 70 -25.37 14.98 12.48
C HIS D 70 -24.38 13.85 12.10
N ARG D 71 -24.82 12.57 12.23
CA ARG D 71 -24.01 11.38 11.91
C ARG D 71 -23.68 11.36 10.41
N ASP D 72 -24.72 11.54 9.57
CA ASP D 72 -24.59 11.60 8.12
C ASP D 72 -24.83 13.06 7.74
N SER D 73 -23.80 13.90 7.98
CA SER D 73 -23.84 15.36 7.74
N VAL D 89 -30.75 27.31 13.46
CA VAL D 89 -31.43 27.59 12.20
C VAL D 89 -32.54 26.55 12.00
N ASP D 90 -32.15 25.25 11.93
CA ASP D 90 -33.01 24.07 11.78
C ASP D 90 -33.84 23.88 13.05
N SER D 91 -35.10 23.37 12.92
CA SER D 91 -36.00 23.14 14.06
C SER D 91 -35.36 22.23 15.12
N TRP D 92 -34.63 21.18 14.70
CA TRP D 92 -33.92 20.28 15.61
C TRP D 92 -32.77 21.02 16.32
N ASP D 93 -32.00 21.85 15.57
CA ASP D 93 -30.84 22.59 16.07
C ASP D 93 -31.23 23.78 16.98
N ARG D 94 -32.27 24.59 16.62
CA ARG D 94 -32.77 25.68 17.47
C ARG D 94 -33.15 25.15 18.86
N GLU D 95 -33.75 23.94 18.90
CA GLU D 95 -34.21 23.25 20.11
C GLU D 95 -33.06 22.74 20.98
N PHE D 96 -32.03 22.17 20.36
CA PHE D 96 -30.89 21.60 21.06
C PHE D 96 -30.22 22.60 22.00
N LEU D 97 -30.01 23.86 21.55
CA LEU D 97 -29.30 24.85 22.35
C LEU D 97 -30.19 25.61 23.30
N LYS D 98 -31.52 25.29 23.34
CA LYS D 98 -32.45 25.89 24.28
C LYS D 98 -32.24 25.21 25.65
N VAL D 99 -31.21 25.68 26.38
CA VAL D 99 -30.76 25.22 27.71
C VAL D 99 -30.32 26.41 28.57
N ASP D 100 -30.07 26.18 29.88
CA ASP D 100 -29.63 27.23 30.78
C ASP D 100 -28.18 27.65 30.45
N GLN D 101 -27.74 28.78 31.02
CA GLN D 101 -26.42 29.35 30.80
C GLN D 101 -25.31 28.38 31.23
N GLU D 102 -25.47 27.71 32.39
CA GLU D 102 -24.47 26.76 32.91
C GLU D 102 -24.31 25.55 31.94
N MET D 103 -25.41 25.10 31.31
CA MET D 103 -25.41 24.00 30.34
C MET D 103 -24.73 24.44 29.04
N LEU D 104 -25.15 25.59 28.47
CA LEU D 104 -24.58 26.16 27.24
C LEU D 104 -23.07 26.45 27.41
N TYR D 105 -22.65 26.91 28.62
CA TYR D 105 -21.25 27.18 28.93
C TYR D 105 -20.47 25.85 28.95
N GLU D 106 -21.02 24.80 29.63
CA GLU D 106 -20.44 23.46 29.74
C GLU D 106 -20.43 22.73 28.38
N ILE D 107 -21.43 22.97 27.50
CA ILE D 107 -21.46 22.36 26.16
C ILE D 107 -20.35 22.99 25.31
N ILE D 108 -20.17 24.34 25.39
CA ILE D 108 -19.14 25.09 24.63
C ILE D 108 -17.74 24.61 25.01
N LEU D 109 -17.48 24.46 26.33
CA LEU D 109 -16.20 24.00 26.88
C LEU D 109 -15.91 22.52 26.47
N ALA D 110 -16.96 21.68 26.38
CA ALA D 110 -16.87 20.29 25.95
C ALA D 110 -16.60 20.21 24.46
N ALA D 111 -17.25 21.10 23.66
CA ALA D 111 -17.06 21.18 22.21
C ALA D 111 -15.64 21.69 21.86
N ASN D 112 -15.06 22.49 22.77
CA ASN D 112 -13.72 23.02 22.62
C ASN D 112 -12.70 21.91 22.88
N TYR D 113 -12.88 21.16 24.01
CA TYR D 113 -12.03 20.04 24.45
C TYR D 113 -12.03 18.89 23.43
N LEU D 114 -13.22 18.42 23.04
CA LEU D 114 -13.39 17.32 22.09
C LEU D 114 -13.10 17.75 20.67
N ASN D 115 -13.00 19.07 20.44
CA ASN D 115 -12.75 19.74 19.17
C ASN D 115 -13.80 19.36 18.11
N ILE D 116 -15.03 19.84 18.36
CA ILE D 116 -16.21 19.72 17.48
C ILE D 116 -16.54 21.16 17.11
N LYS D 117 -15.88 21.69 16.06
CA LYS D 117 -16.04 23.08 15.64
C LYS D 117 -17.51 23.51 15.37
N PRO D 118 -18.36 22.80 14.58
CA PRO D 118 -19.73 23.31 14.33
C PRO D 118 -20.52 23.50 15.62
N LEU D 119 -20.37 22.55 16.58
CA LEU D 119 -21.02 22.62 17.87
C LEU D 119 -20.54 23.88 18.63
N LEU D 120 -19.22 24.14 18.66
CA LEU D 120 -18.73 25.35 19.33
C LEU D 120 -19.26 26.59 18.57
N ASP D 121 -19.30 26.54 17.22
CA ASP D 121 -19.81 27.61 16.36
C ASP D 121 -21.30 27.84 16.61
N ALA D 122 -22.07 26.77 16.85
CA ALA D 122 -23.50 26.82 17.19
C ALA D 122 -23.69 27.46 18.57
N GLY D 123 -22.89 27.01 19.53
CA GLY D 123 -22.89 27.51 20.90
C GLY D 123 -22.30 28.89 21.05
N CYS D 124 -22.15 29.60 19.92
CA CYS D 124 -21.60 30.97 19.81
C CYS D 124 -22.56 31.84 19.04
N LYS D 125 -23.16 31.27 17.98
CA LYS D 125 -24.20 31.91 17.19
C LYS D 125 -25.50 31.97 18.03
N VAL D 126 -25.59 31.15 19.10
CA VAL D 126 -26.70 31.13 20.07
C VAL D 126 -26.30 31.93 21.32
N VAL D 127 -24.98 31.98 21.64
CA VAL D 127 -24.47 32.74 22.78
C VAL D 127 -24.40 34.22 22.43
N ALA D 128 -24.40 34.57 21.12
CA ALA D 128 -24.42 35.96 20.64
C ALA D 128 -25.87 36.44 20.45
N GLU D 129 -26.76 35.52 20.00
CA GLU D 129 -28.18 35.77 19.79
C GLU D 129 -28.92 36.01 21.12
N MET D 130 -28.39 35.44 22.23
CA MET D 130 -28.94 35.59 23.59
C MET D 130 -28.44 36.89 24.24
N ILE D 131 -27.11 37.17 24.17
CA ILE D 131 -26.47 38.37 24.72
C ILE D 131 -25.20 38.71 23.94
#